data_5NAR
#
_entry.id   5NAR
#
_cell.length_a   77.802
_cell.length_b   44.516
_cell.length_c   63.744
_cell.angle_alpha   90.00
_cell.angle_beta   117.69
_cell.angle_gamma   90.00
#
_symmetry.space_group_name_H-M   'C 1 2 1'
#
loop_
_entity.id
_entity.type
_entity.pdbx_description
1 polymer 'Complement factor D'
2 non-polymer 'SULFATE ION'
3 non-polymer (2~{S})-~{N}1-(1-aminocarbonylindol-3-yl)-~{N}2-[3-(trifluoromethyloxy)phenyl]pyrrolidine-1,2-dicarboxamide
4 water water
#
_entity_poly.entity_id   1
_entity_poly.type   'polypeptide(L)'
_entity_poly.pdbx_seq_one_letter_code
;ILGGREAEAHARPYMASVQLNGAHLCGGVLVAEQWVLSAAHCLEDAADGKVQVLLGAHSLSQPEPSKRLYDVLRAVPHPD
SQPDTIDHDLLLLQLSEKATLGPAVRPLPWQRVDRDVAPGTLCDVAGWGIVNHAGRRPDSLQHVLLPVLDRATCNRRTHH
DGAITERLMCAESNRRDSCKGDSGGPLVCGGVLEGVVTSGSRVCGNRKKPGIYTRVASYAAWIDSVLASAAA
;
_entity_poly.pdbx_strand_id   A
#
loop_
_chem_comp.id
_chem_comp.type
_chem_comp.name
_chem_comp.formula
8RW non-polymer (2~{S})-~{N}1-(1-aminocarbonylindol-3-yl)-~{N}2-[3-(trifluoromethyloxy)phenyl]pyrrolidine-1,2-dicarboxamide 'C22 H20 F3 N5 O4'
SO4 non-polymer 'SULFATE ION' 'O4 S -2'
#
# COMPACT_ATOMS: atom_id res chain seq x y z
N ILE A 1 -9.68 -3.94 4.60
CA ILE A 1 -10.62 -3.31 3.65
C ILE A 1 -12.02 -3.52 4.19
N LEU A 2 -12.73 -2.43 4.41
CA LEU A 2 -14.12 -2.56 4.82
C LEU A 2 -14.95 -2.45 3.57
N GLY A 3 -16.04 -3.19 3.49
CA GLY A 3 -17.06 -3.04 2.45
C GLY A 3 -16.58 -3.50 1.13
N GLY A 4 -15.48 -4.32 1.14
CA GLY A 4 -14.92 -4.85 -0.15
C GLY A 4 -15.31 -6.28 -0.38
N ARG A 5 -14.51 -6.94 -1.21
CA ARG A 5 -14.82 -8.26 -1.81
C ARG A 5 -13.49 -8.97 -1.82
N GLU A 6 -13.54 -10.29 -1.89
CA GLU A 6 -12.27 -11.05 -2.11
C GLU A 6 -11.70 -10.78 -3.52
N ALA A 7 -10.44 -10.41 -3.60
CA ALA A 7 -9.81 -10.24 -4.89
C ALA A 7 -9.66 -11.61 -5.59
N GLU A 8 -9.58 -11.57 -6.93
CA GLU A 8 -9.26 -12.78 -7.69
C GLU A 8 -7.81 -13.14 -7.46
N ALA A 9 -7.51 -14.41 -7.30
CA ALA A 9 -6.21 -14.81 -6.95
C ALA A 9 -5.15 -14.36 -7.91
N HIS A 10 -4.15 -13.65 -7.35
CA HIS A 10 -3.00 -13.23 -8.13
C HIS A 10 -3.28 -12.22 -9.31
N ALA A 11 -4.46 -11.62 -9.31
CA ALA A 11 -4.82 -10.66 -10.30
C ALA A 11 -4.19 -9.23 -10.09
N ARG A 12 -3.61 -9.04 -8.89
CA ARG A 12 -2.88 -7.80 -8.49
C ARG A 12 -1.55 -8.27 -8.06
N PRO A 13 -0.64 -8.60 -9.04
CA PRO A 13 0.60 -9.25 -8.77
C PRO A 13 1.70 -8.39 -8.15
N TYR A 14 1.35 -7.14 -8.04
CA TYR A 14 2.16 -6.13 -7.33
C TYR A 14 1.94 -6.13 -5.86
N MET A 15 0.90 -6.79 -5.39
N MET A 15 0.91 -6.84 -5.37
CA MET A 15 0.61 -6.69 -4.00
CA MET A 15 0.61 -6.76 -3.96
C MET A 15 1.76 -7.28 -3.23
C MET A 15 1.48 -7.51 -3.08
N ALA A 16 1.98 -6.81 -2.04
CA ALA A 16 2.91 -7.42 -1.08
C ALA A 16 2.30 -7.42 0.31
N SER A 17 2.57 -8.46 1.08
CA SER A 17 2.31 -8.42 2.60
C SER A 17 3.63 -8.18 3.30
N VAL A 18 3.69 -7.06 4.00
CA VAL A 18 4.81 -6.74 4.91
C VAL A 18 4.54 -7.34 6.28
N GLN A 19 5.43 -8.27 6.69
CA GLN A 19 5.25 -9.23 7.80
C GLN A 19 6.26 -9.04 8.89
N LEU A 20 5.75 -9.13 10.11
CA LEU A 20 6.50 -9.18 11.33
C LEU A 20 6.24 -10.53 12.01
N ASN A 21 7.32 -11.26 12.30
CA ASN A 21 7.22 -12.52 13.03
C ASN A 21 6.15 -13.45 12.37
N GLY A 22 6.12 -13.46 11.04
CA GLY A 22 5.29 -14.35 10.31
C GLY A 22 3.87 -13.92 10.16
N ALA A 23 3.56 -12.71 10.60
CA ALA A 23 2.21 -12.22 10.65
C ALA A 23 2.12 -10.95 9.83
N HIS A 24 1.07 -10.89 9.05
CA HIS A 24 0.81 -9.69 8.27
C HIS A 24 0.73 -8.49 9.10
N LEU A 25 1.47 -7.46 8.71
CA LEU A 25 1.51 -6.19 9.39
C LEU A 25 1.00 -5.02 8.52
N CYS A 26 1.52 -4.98 7.30
CA CYS A 26 1.18 -3.85 6.40
C CYS A 26 1.05 -4.39 4.95
N GLY A 27 0.33 -3.63 4.14
CA GLY A 27 0.42 -3.81 2.71
C GLY A 27 1.69 -3.22 2.16
N GLY A 28 1.96 -3.61 0.88
CA GLY A 28 3.09 -2.99 0.19
C GLY A 28 2.89 -3.20 -1.25
N VAL A 29 3.68 -2.52 -2.04
CA VAL A 29 3.56 -2.54 -3.49
C VAL A 29 4.94 -2.88 -4.09
N LEU A 30 5.01 -3.88 -4.99
CA LEU A 30 6.29 -4.15 -5.65
C LEU A 30 6.37 -3.04 -6.68
N VAL A 31 7.47 -2.30 -6.62
CA VAL A 31 7.74 -1.22 -7.61
C VAL A 31 9.03 -1.38 -8.40
N ALA A 32 9.78 -2.38 -8.04
CA ALA A 32 10.93 -2.79 -8.89
C ALA A 32 11.20 -4.25 -8.53
N GLU A 33 12.10 -4.88 -9.24
CA GLU A 33 12.42 -6.26 -8.98
C GLU A 33 12.87 -6.54 -7.58
N GLN A 34 13.53 -5.58 -6.99
CA GLN A 34 14.13 -5.79 -5.67
C GLN A 34 13.60 -4.76 -4.65
N TRP A 35 12.56 -4.04 -4.96
CA TRP A 35 12.09 -2.94 -4.03
C TRP A 35 10.55 -2.96 -3.87
N VAL A 36 10.11 -2.90 -2.62
CA VAL A 36 8.77 -2.77 -2.25
C VAL A 36 8.51 -1.44 -1.50
N LEU A 37 7.51 -0.71 -1.98
CA LEU A 37 7.06 0.47 -1.30
C LEU A 37 5.94 0.20 -0.32
N SER A 38 6.01 0.81 0.84
CA SER A 38 5.01 0.60 1.84
C SER A 38 4.97 1.89 2.63
N ALA A 39 4.52 1.80 3.87
CA ALA A 39 4.35 3.03 4.69
C ALA A 39 5.37 3.13 5.81
N ALA A 40 5.75 4.34 6.25
CA ALA A 40 6.89 4.50 7.25
C ALA A 40 6.62 3.91 8.62
N HIS A 41 5.40 3.93 9.09
CA HIS A 41 5.20 3.50 10.47
C HIS A 41 5.19 2.03 10.57
N CYS A 42 5.06 1.35 9.43
CA CYS A 42 5.29 -0.13 9.36
C CYS A 42 6.65 -0.53 9.90
N LEU A 43 7.69 0.27 9.78
CA LEU A 43 9.00 -0.17 10.19
C LEU A 43 9.20 0.07 11.67
N GLU A 44 8.49 1.02 12.22
CA GLU A 44 8.63 1.30 13.69
C GLU A 44 8.06 0.18 14.65
N GLY A 49 11.63 -6.73 15.81
CA GLY A 49 11.50 -8.06 15.25
C GLY A 49 11.86 -8.20 13.77
N LYS A 50 11.54 -9.39 13.26
CA LYS A 50 11.85 -9.81 11.86
C LYS A 50 10.89 -9.20 10.80
N VAL A 51 11.34 -8.09 10.11
CA VAL A 51 10.53 -7.60 8.91
C VAL A 51 10.79 -8.34 7.55
N GLN A 52 9.79 -9.04 7.01
CA GLN A 52 9.89 -9.77 5.76
C GLN A 52 8.80 -9.39 4.82
N VAL A 53 8.94 -9.72 3.55
CA VAL A 53 7.94 -9.37 2.57
C VAL A 53 7.47 -10.57 1.84
N LEU A 54 6.16 -10.76 1.80
CA LEU A 54 5.64 -11.91 1.10
C LEU A 54 5.01 -11.45 -0.27
N LEU A 55 5.51 -12.03 -1.34
CA LEU A 55 5.06 -11.76 -2.66
C LEU A 55 4.33 -12.97 -3.18
N GLY A 56 3.54 -12.75 -4.19
CA GLY A 56 2.89 -13.88 -4.95
C GLY A 56 1.74 -14.51 -4.19
N ALA A 57 1.20 -13.82 -3.20
CA ALA A 57 0.14 -14.41 -2.38
C ALA A 57 -1.28 -14.03 -2.60
N HIS A 58 -2.17 -14.98 -2.30
CA HIS A 58 -3.55 -14.69 -2.18
C HIS A 58 -4.01 -15.01 -0.83
N SER A 59 -3.85 -16.31 -0.46
CA SER A 59 -3.98 -16.68 0.95
C SER A 59 -2.70 -16.46 1.79
N LEU A 60 -2.84 -15.88 2.97
CA LEU A 60 -1.72 -15.66 3.87
C LEU A 60 -1.22 -17.02 4.39
N SER A 61 -2.11 -17.99 4.52
CA SER A 61 -1.82 -19.18 5.29
C SER A 61 -1.72 -20.43 4.45
N GLN A 62 -2.41 -20.54 3.29
CA GLN A 62 -2.55 -21.80 2.51
C GLN A 62 -1.41 -22.00 1.53
N PRO A 63 -0.99 -23.28 1.36
CA PRO A 63 0.09 -23.47 0.37
C PRO A 63 -0.30 -22.88 -1.04
N GLU A 64 0.63 -22.16 -1.68
CA GLU A 64 0.55 -21.63 -3.02
C GLU A 64 1.87 -21.67 -3.60
N PRO A 65 2.00 -22.27 -4.75
CA PRO A 65 3.36 -22.32 -5.42
C PRO A 65 3.93 -20.99 -5.76
N SER A 66 3.11 -19.96 -6.12
CA SER A 66 3.62 -18.67 -6.38
C SER A 66 4.14 -17.86 -5.16
N LYS A 67 3.73 -18.21 -3.99
CA LYS A 67 4.09 -17.46 -2.80
C LYS A 67 5.56 -17.58 -2.51
N ARG A 68 6.25 -16.46 -2.31
CA ARG A 68 7.63 -16.54 -1.82
C ARG A 68 7.85 -15.38 -0.84
N LEU A 69 8.41 -15.73 0.27
CA LEU A 69 8.88 -14.84 1.32
C LEU A 69 10.35 -14.40 1.12
N TYR A 70 10.56 -13.10 1.33
CA TYR A 70 11.83 -12.44 1.20
C TYR A 70 12.21 -11.72 2.52
N ASP A 71 13.50 -11.84 2.85
CA ASP A 71 14.09 -10.95 3.84
C ASP A 71 14.41 -9.56 3.25
N VAL A 72 14.61 -8.60 4.10
CA VAL A 72 14.83 -7.26 3.76
C VAL A 72 16.31 -6.96 4.00
N LEU A 73 17.01 -6.58 2.93
CA LEU A 73 18.42 -6.13 3.05
C LEU A 73 18.54 -4.77 3.67
N ARG A 74 17.65 -3.85 3.21
CA ARG A 74 17.73 -2.46 3.66
C ARG A 74 16.35 -1.88 3.69
N ALA A 75 16.04 -1.20 4.78
CA ALA A 75 14.78 -0.40 4.89
C ALA A 75 15.08 1.05 4.94
N VAL A 76 14.43 1.74 4.06
CA VAL A 76 14.62 3.15 3.83
C VAL A 76 13.32 3.97 4.04
N PRO A 77 13.09 4.38 5.27
CA PRO A 77 11.98 5.24 5.49
C PRO A 77 12.27 6.58 4.87
N HIS A 78 11.22 7.35 4.58
CA HIS A 78 11.43 8.68 4.16
C HIS A 78 12.12 9.48 5.20
N PRO A 79 13.22 10.22 4.88
CA PRO A 79 13.95 10.90 5.89
C PRO A 79 13.15 11.92 6.71
N ASP A 80 12.03 12.46 6.18
CA ASP A 80 11.22 13.50 6.94
C ASP A 80 10.04 12.82 7.67
N SER A 81 9.89 11.51 7.51
CA SER A 81 8.86 10.81 8.33
CA SER A 81 8.88 10.77 8.36
C SER A 81 9.12 10.99 9.87
N GLN A 82 8.04 11.04 10.65
CA GLN A 82 8.14 11.16 12.07
C GLN A 82 7.06 10.25 12.65
N PRO A 83 7.26 9.76 13.91
CA PRO A 83 6.28 8.70 14.31
C PRO A 83 4.89 9.25 14.62
N ASP A 84 4.81 10.54 14.93
CA ASP A 84 3.46 11.21 15.21
C ASP A 84 2.72 11.96 14.10
N THR A 85 3.18 11.77 12.84
CA THR A 85 2.49 12.40 11.72
C THR A 85 2.24 11.40 10.64
N ILE A 86 1.30 11.70 9.71
CA ILE A 86 1.20 10.86 8.49
C ILE A 86 1.77 11.56 7.24
N ASP A 87 2.65 12.54 7.44
CA ASP A 87 3.31 13.29 6.40
CA ASP A 87 3.26 13.28 6.38
C ASP A 87 4.51 12.44 6.03
N HIS A 88 4.83 12.48 4.78
CA HIS A 88 6.08 11.76 4.33
C HIS A 88 6.09 10.26 4.70
N ASP A 89 4.91 9.67 4.63
CA ASP A 89 4.74 8.32 5.22
C ASP A 89 4.99 7.18 4.25
N LEU A 90 6.21 7.16 3.74
CA LEU A 90 6.63 6.20 2.81
C LEU A 90 7.82 5.44 3.30
N LEU A 91 7.98 4.25 2.82
CA LEU A 91 9.05 3.38 3.27
C LEU A 91 9.45 2.54 2.07
N LEU A 92 10.74 2.47 1.74
CA LEU A 92 11.24 1.62 0.66
C LEU A 92 12.00 0.48 1.25
N LEU A 93 11.63 -0.76 0.87
CA LEU A 93 12.24 -1.99 1.38
C LEU A 93 12.98 -2.71 0.26
N GLN A 94 14.28 -2.83 0.38
CA GLN A 94 15.10 -3.57 -0.59
C GLN A 94 15.11 -5.06 -0.17
N LEU A 95 14.68 -5.94 -1.05
CA LEU A 95 14.61 -7.38 -0.78
C LEU A 95 15.99 -7.97 -0.81
N SER A 96 16.18 -9.06 -0.08
CA SER A 96 17.53 -9.61 0.07
C SER A 96 18.08 -10.08 -1.27
N GLU A 97 17.18 -10.41 -2.18
CA GLU A 97 17.55 -10.68 -3.53
C GLU A 97 16.47 -10.18 -4.42
N LYS A 98 16.74 -10.19 -5.72
CA LYS A 98 15.74 -9.80 -6.68
C LYS A 98 14.63 -10.87 -6.64
N ALA A 99 13.41 -10.38 -6.61
CA ALA A 99 12.25 -11.24 -6.63
C ALA A 99 12.19 -12.05 -7.93
N THR A 100 11.71 -13.29 -7.83
CA THR A 100 11.42 -14.13 -9.00
C THR A 100 10.11 -13.62 -9.54
N LEU A 101 10.16 -13.05 -10.75
CA LEU A 101 9.05 -12.42 -11.37
C LEU A 101 8.27 -13.33 -12.22
N GLY A 102 6.94 -13.11 -12.29
CA GLY A 102 6.05 -13.91 -13.16
C GLY A 102 4.70 -13.35 -13.07
N PRO A 103 3.74 -14.02 -13.69
CA PRO A 103 2.41 -13.46 -13.72
C PRO A 103 1.83 -13.11 -12.35
N ALA A 104 2.22 -13.85 -11.30
CA ALA A 104 1.80 -13.59 -9.90
C ALA A 104 2.67 -12.59 -9.11
N VAL A 105 3.81 -12.22 -9.70
CA VAL A 105 4.75 -11.32 -9.00
C VAL A 105 5.32 -10.34 -10.02
N ARG A 106 4.71 -9.16 -10.08
CA ARG A 106 5.10 -8.16 -11.02
C ARG A 106 5.09 -6.82 -10.52
N PRO A 107 6.12 -5.98 -10.76
CA PRO A 107 6.00 -4.58 -10.33
C PRO A 107 4.92 -3.84 -11.09
N LEU A 108 4.39 -2.85 -10.38
CA LEU A 108 3.43 -1.89 -10.86
C LEU A 108 4.07 -0.57 -11.19
N PRO A 109 3.73 0.05 -12.35
CA PRO A 109 4.17 1.40 -12.56
C PRO A 109 3.55 2.38 -11.62
N TRP A 110 4.35 3.35 -11.25
CA TRP A 110 3.95 4.35 -10.26
C TRP A 110 3.95 5.76 -10.92
N GLN A 111 3.19 6.66 -10.38
CA GLN A 111 2.96 7.96 -10.98
C GLN A 111 4.11 8.84 -10.76
N ARG A 112 4.78 9.24 -11.83
CA ARG A 112 5.93 10.28 -11.67
C ARG A 112 5.54 11.70 -12.05
N VAL A 113 4.40 11.81 -12.71
CA VAL A 113 3.90 13.11 -13.12
C VAL A 113 3.02 13.75 -12.08
N ASP A 114 3.39 14.94 -11.65
CA ASP A 114 2.68 15.58 -10.53
C ASP A 114 1.37 16.26 -10.94
N ARG A 115 0.32 15.43 -11.16
CA ARG A 115 -0.98 15.91 -11.43
C ARG A 115 -1.94 15.05 -10.61
N ASP A 116 -2.95 15.68 -10.07
CA ASP A 116 -4.01 15.02 -9.36
C ASP A 116 -4.85 14.10 -10.23
N VAL A 117 -5.25 13.01 -9.62
CA VAL A 117 -6.21 12.14 -10.25
C VAL A 117 -7.56 12.95 -10.26
N ALA A 118 -8.27 12.82 -11.38
CA ALA A 118 -9.50 13.53 -11.59
C ALA A 118 -10.51 13.16 -10.46
N PRO A 119 -10.96 14.15 -9.72
CA PRO A 119 -11.98 13.87 -8.74
C PRO A 119 -13.19 13.02 -9.24
N GLY A 120 -13.53 11.99 -8.49
CA GLY A 120 -14.62 11.10 -8.82
C GLY A 120 -14.19 9.84 -9.57
N THR A 121 -12.94 9.87 -10.05
CA THR A 121 -12.33 8.63 -10.59
C THR A 121 -12.39 7.54 -9.54
N LEU A 122 -12.73 6.32 -9.94
CA LEU A 122 -12.68 5.20 -9.00
C LEU A 122 -11.35 4.48 -9.07
N CYS A 123 -10.66 4.38 -7.87
CA CYS A 123 -9.36 3.71 -7.89
C CYS A 123 -9.49 2.46 -7.02
N ASP A 124 -8.66 1.44 -7.25
CA ASP A 124 -8.71 0.21 -6.50
C ASP A 124 -7.75 0.21 -5.35
N VAL A 125 -8.22 -0.07 -4.14
N VAL A 125 -8.25 -0.12 -4.19
CA VAL A 125 -7.25 -0.34 -2.96
CA VAL A 125 -7.38 -0.28 -2.96
C VAL A 125 -7.39 -1.74 -2.48
C VAL A 125 -7.41 -1.76 -2.54
N ALA A 126 -6.27 -2.39 -2.26
CA ALA A 126 -6.25 -3.81 -1.86
C ALA A 126 -5.50 -4.00 -0.59
N GLY A 127 -5.82 -5.09 0.07
CA GLY A 127 -5.04 -5.42 1.24
C GLY A 127 -5.63 -6.55 2.07
N TRP A 128 -4.87 -6.93 3.11
CA TRP A 128 -5.29 -7.94 4.10
C TRP A 128 -5.59 -7.26 5.41
N GLY A 129 -5.96 -5.99 5.41
CA GLY A 129 -6.34 -5.26 6.70
C GLY A 129 -7.67 -5.84 7.21
N ILE A 130 -8.09 -5.34 8.35
CA ILE A 130 -9.36 -5.79 8.91
C ILE A 130 -10.53 -5.50 7.95
N VAL A 131 -11.55 -6.38 8.05
CA VAL A 131 -12.74 -6.27 7.17
C VAL A 131 -14.03 -5.90 7.86
N ASN A 132 -13.96 -5.63 9.18
CA ASN A 132 -15.14 -5.11 9.89
C ASN A 132 -14.70 -4.48 11.15
N HIS A 133 -15.62 -3.85 11.87
CA HIS A 133 -15.27 -3.12 13.12
C HIS A 133 -15.03 -4.00 14.32
N ALA A 134 -15.29 -5.34 14.18
CA ALA A 134 -14.85 -6.36 15.14
C ALA A 134 -13.40 -6.78 14.92
N GLY A 135 -12.72 -6.27 13.83
CA GLY A 135 -11.30 -6.52 13.62
C GLY A 135 -11.07 -7.85 12.94
N ARG A 136 -12.09 -8.38 12.24
CA ARG A 136 -11.88 -9.65 11.54
C ARG A 136 -10.76 -9.55 10.52
N ARG A 137 -9.83 -10.47 10.62
CA ARG A 137 -8.58 -10.35 9.86
C ARG A 137 -8.78 -11.40 8.69
N PRO A 138 -8.72 -10.98 7.46
CA PRO A 138 -8.97 -11.92 6.36
C PRO A 138 -7.72 -12.74 6.06
N ASP A 139 -7.92 -13.98 5.63
CA ASP A 139 -6.88 -14.76 5.13
C ASP A 139 -6.56 -14.48 3.68
N SER A 140 -7.55 -14.20 2.91
CA SER A 140 -7.36 -13.85 1.49
C SER A 140 -7.42 -12.36 1.19
N LEU A 141 -6.63 -11.97 0.17
CA LEU A 141 -6.58 -10.62 -0.27
C LEU A 141 -7.99 -10.05 -0.61
N GLN A 142 -8.24 -8.85 -0.08
CA GLN A 142 -9.47 -8.03 -0.29
C GLN A 142 -9.16 -6.81 -1.16
N HIS A 143 -10.21 -6.30 -1.81
CA HIS A 143 -10.04 -5.03 -2.48
C HIS A 143 -11.39 -4.32 -2.55
N VAL A 144 -11.35 -3.02 -2.94
CA VAL A 144 -12.52 -2.19 -3.09
C VAL A 144 -12.13 -1.09 -4.01
N LEU A 145 -13.08 -0.67 -4.82
CA LEU A 145 -13.04 0.54 -5.55
C LEU A 145 -13.62 1.76 -4.78
N LEU A 146 -12.91 2.87 -4.89
CA LEU A 146 -13.31 4.05 -4.14
C LEU A 146 -13.11 5.33 -4.97
N PRO A 147 -14.00 6.32 -4.88
CA PRO A 147 -13.89 7.54 -5.61
C PRO A 147 -12.97 8.49 -5.00
N VAL A 148 -12.11 9.05 -5.82
CA VAL A 148 -11.13 10.04 -5.34
C VAL A 148 -11.86 11.37 -5.00
N LEU A 149 -11.49 12.01 -3.87
CA LEU A 149 -12.13 13.34 -3.54
C LEU A 149 -11.30 14.48 -4.14
N ASP A 150 -11.94 15.68 -4.33
CA ASP A 150 -11.19 16.87 -4.63
C ASP A 150 -10.32 17.31 -3.42
N ARG A 151 -9.21 17.99 -3.69
CA ARG A 151 -8.27 18.42 -2.64
C ARG A 151 -8.94 19.23 -1.51
N ALA A 152 -9.82 20.14 -1.89
CA ALA A 152 -10.48 20.96 -0.93
C ALA A 152 -11.36 20.21 0.01
N THR A 153 -12.05 19.18 -0.43
CA THR A 153 -12.81 18.31 0.43
C THR A 153 -11.84 17.50 1.35
N CYS A 154 -10.74 16.92 0.78
CA CYS A 154 -9.77 16.15 1.54
C CYS A 154 -9.24 17.06 2.69
N ASN A 155 -8.84 18.29 2.39
CA ASN A 155 -8.62 19.29 3.51
C ASN A 155 -10.13 19.81 3.88
N THR A 165 -2.64 18.62 2.49
CA THR A 165 -1.45 19.07 1.81
C THR A 165 -1.54 18.81 0.25
N GLU A 166 -0.48 19.15 -0.37
CA GLU A 166 -0.32 18.72 -1.75
C GLU A 166 0.28 17.34 -1.85
N ARG A 167 0.57 16.74 -0.73
CA ARG A 167 1.27 15.37 -0.75
C ARG A 167 0.37 14.24 -0.30
N LEU A 168 -0.86 14.55 -0.10
CA LEU A 168 -1.91 13.54 0.31
C LEU A 168 -3.09 13.62 -0.70
N MET A 169 -3.75 12.49 -0.87
CA MET A 169 -5.07 12.48 -1.55
C MET A 169 -6.04 11.68 -0.63
N CYS A 170 -7.33 11.87 -0.89
CA CYS A 170 -8.32 11.19 -0.16
C CYS A 170 -9.26 10.46 -1.06
N ALA A 171 -10.00 9.55 -0.44
CA ALA A 171 -11.08 8.87 -1.13
C ALA A 171 -12.30 8.74 -0.29
N GLU A 172 -13.46 8.51 -0.83
CA GLU A 172 -14.68 8.39 -0.04
C GLU A 172 -14.50 7.21 0.91
N SER A 173 -15.18 7.40 2.09
CA SER A 173 -15.17 6.45 3.15
C SER A 173 -16.63 6.08 3.61
N ASN A 174 -17.63 5.97 2.69
CA ASN A 174 -18.99 5.49 2.90
C ASN A 174 -19.23 3.94 2.81
N ARG A 175 -18.79 3.61 4.10
CA ARG A 175 -18.72 2.29 4.72
C ARG A 175 -17.59 1.50 4.07
N ARG A 176 -17.53 1.57 2.72
CA ARG A 176 -16.27 1.15 1.96
C ARG A 176 -15.05 1.97 2.27
N ASP A 177 -13.97 1.31 2.65
CA ASP A 177 -12.78 2.06 3.06
C ASP A 177 -11.56 1.19 3.31
N SER A 178 -10.39 1.83 3.35
CA SER A 178 -9.22 1.21 3.92
C SER A 178 -9.24 1.27 5.40
N CYS A 179 -8.46 0.43 6.03
CA CYS A 179 -8.40 0.46 7.51
C CYS A 179 -7.14 -0.21 8.08
N LYS A 180 -7.11 -0.38 9.39
CA LYS A 180 -5.96 -1.05 9.98
C LYS A 180 -5.45 -2.22 9.20
N GLY A 181 -4.13 -2.26 8.97
CA GLY A 181 -3.49 -3.37 8.26
C GLY A 181 -3.47 -3.19 6.74
N ASP A 182 -4.20 -2.20 6.25
CA ASP A 182 -4.12 -1.87 4.82
C ASP A 182 -3.04 -0.87 4.55
N SER A 183 -2.58 -0.23 5.62
CA SER A 183 -1.43 0.67 5.62
C SER A 183 -0.29 0.15 4.75
N GLY A 184 0.22 0.99 3.88
CA GLY A 184 1.29 0.68 3.10
C GLY A 184 0.91 0.16 1.72
N GLY A 185 -0.33 -0.27 1.56
CA GLY A 185 -0.80 -0.84 0.35
C GLY A 185 -1.24 0.16 -0.72
N PRO A 186 -1.62 -0.38 -1.88
CA PRO A 186 -1.75 0.41 -3.08
C PRO A 186 -3.14 0.97 -3.32
N LEU A 187 -3.14 2.19 -3.89
CA LEU A 187 -4.32 2.85 -4.48
CA LEU A 187 -4.30 2.84 -4.48
C LEU A 187 -3.98 3.06 -5.95
N VAL A 188 -4.66 2.32 -6.77
CA VAL A 188 -4.37 2.15 -8.21
C VAL A 188 -5.42 2.78 -9.08
N CYS A 189 -5.00 3.57 -10.02
CA CYS A 189 -5.99 4.14 -11.05
C CYS A 189 -5.43 4.00 -12.43
N GLY A 190 -6.20 3.60 -13.42
CA GLY A 190 -5.66 3.48 -14.77
C GLY A 190 -4.43 2.56 -14.84
N GLY A 191 -4.27 1.53 -13.91
CA GLY A 191 -3.11 0.67 -13.92
C GLY A 191 -1.75 1.21 -13.39
N VAL A 192 -1.84 2.28 -12.66
CA VAL A 192 -0.70 3.00 -12.16
C VAL A 192 -0.96 3.25 -10.68
N LEU A 193 0.12 3.08 -9.89
CA LEU A 193 0.05 3.42 -8.50
C LEU A 193 -0.02 4.93 -8.27
N GLU A 194 -1.11 5.38 -7.70
CA GLU A 194 -1.27 6.75 -7.33
C GLU A 194 -1.16 7.12 -5.86
N GLY A 195 -1.52 6.23 -4.99
CA GLY A 195 -1.47 6.48 -3.62
C GLY A 195 -0.98 5.26 -2.85
N VAL A 196 -0.55 5.48 -1.63
CA VAL A 196 -0.12 4.45 -0.65
C VAL A 196 -0.93 4.71 0.64
N VAL A 197 -1.65 3.69 1.12
CA VAL A 197 -2.50 3.87 2.30
C VAL A 197 -1.61 4.38 3.46
N THR A 198 -2.05 5.42 4.15
CA THR A 198 -1.23 5.93 5.24
C THR A 198 -1.40 5.01 6.45
N SER A 199 -0.49 5.16 7.42
CA SER A 199 -0.33 4.26 8.47
C SER A 199 -0.66 4.88 9.84
N GLY A 200 -1.35 6.02 9.87
CA GLY A 200 -1.93 6.55 11.16
C GLY A 200 -3.28 5.88 11.46
N SER A 201 -3.59 5.74 12.75
CA SER A 201 -4.96 5.41 13.25
C SER A 201 -5.93 6.43 12.81
N ARG A 202 -7.10 5.93 12.53
CA ARG A 202 -8.24 6.76 12.10
C ARG A 202 -9.51 5.92 12.14
N VAL A 203 -10.62 6.59 12.33
CA VAL A 203 -11.95 6.00 12.18
C VAL A 203 -12.11 5.55 10.70
N CYS A 204 -12.59 4.36 10.53
CA CYS A 204 -12.79 3.79 9.20
C CYS A 204 -14.28 3.71 8.87
N GLY A 205 -14.64 3.86 7.60
CA GLY A 205 -16.01 3.62 7.25
C GLY A 205 -17.06 4.69 7.45
N ASN A 206 -16.61 5.79 7.93
CA ASN A 206 -17.42 6.96 8.26
C ASN A 206 -17.28 7.96 7.12
N ARG A 207 -18.37 8.16 6.40
CA ARG A 207 -18.40 9.03 5.22
C ARG A 207 -17.89 10.46 5.49
N LYS A 208 -18.09 10.96 6.71
CA LYS A 208 -17.52 12.28 7.06
C LYS A 208 -16.00 12.30 7.24
N LYS A 209 -15.33 11.14 7.28
CA LYS A 209 -13.91 11.03 7.68
C LYS A 209 -13.17 10.26 6.61
N PRO A 210 -12.85 10.89 5.48
CA PRO A 210 -12.26 10.21 4.31
C PRO A 210 -11.00 9.33 4.62
N GLY A 211 -10.82 8.33 3.78
CA GLY A 211 -9.54 7.67 3.72
C GLY A 211 -8.43 8.57 3.22
N ILE A 212 -7.22 8.38 3.76
CA ILE A 212 -6.11 9.16 3.40
C ILE A 212 -5.04 8.25 2.78
N TYR A 213 -4.31 8.78 1.77
CA TYR A 213 -3.33 8.03 1.05
C TYR A 213 -2.22 8.98 0.64
N THR A 214 -0.96 8.52 0.71
CA THR A 214 0.18 9.32 0.26
C THR A 214 0.27 9.38 -1.20
N ARG A 215 0.31 10.66 -1.74
CA ARG A 215 0.43 10.82 -3.19
C ARG A 215 1.79 10.48 -3.75
N VAL A 216 1.92 9.41 -4.53
CA VAL A 216 3.22 8.94 -4.87
C VAL A 216 3.91 10.00 -5.80
N ALA A 217 3.13 10.65 -6.64
CA ALA A 217 3.73 11.61 -7.59
C ALA A 217 4.50 12.75 -6.88
N SER A 218 4.08 13.09 -5.68
CA SER A 218 4.82 14.09 -4.83
C SER A 218 6.24 13.69 -4.35
N TYR A 219 6.51 12.42 -4.49
CA TYR A 219 7.74 11.77 -3.99
C TYR A 219 8.63 11.18 -5.09
N ALA A 220 8.36 11.57 -6.33
CA ALA A 220 9.04 10.98 -7.51
C ALA A 220 10.56 11.05 -7.41
N ALA A 221 11.06 12.23 -7.01
CA ALA A 221 12.50 12.36 -6.91
C ALA A 221 13.09 11.40 -5.81
N TRP A 222 12.42 11.39 -4.61
CA TRP A 222 12.86 10.56 -3.55
C TRP A 222 12.89 9.12 -3.98
N ILE A 223 11.80 8.63 -4.58
CA ILE A 223 11.75 7.22 -5.00
C ILE A 223 12.87 6.89 -5.99
N ASP A 224 12.96 7.70 -7.04
CA ASP A 224 14.01 7.51 -8.00
C ASP A 224 15.44 7.42 -7.39
N SER A 225 15.74 8.35 -6.49
N SER A 225 15.67 8.31 -6.42
CA SER A 225 16.96 8.40 -5.75
CA SER A 225 16.92 8.48 -5.73
C SER A 225 17.29 7.03 -5.13
C SER A 225 17.31 7.25 -4.89
N VAL A 226 16.31 6.48 -4.40
CA VAL A 226 16.55 5.32 -3.56
C VAL A 226 16.74 4.19 -4.49
N LEU A 227 15.83 4.10 -5.50
CA LEU A 227 16.02 3.02 -6.46
C LEU A 227 17.36 3.11 -7.27
N ALA A 228 17.87 4.30 -7.46
CA ALA A 228 19.17 4.55 -8.05
C ALA A 228 20.37 3.98 -7.27
N SER A 229 20.19 3.89 -5.96
CA SER A 229 21.16 3.44 -5.02
C SER A 229 21.52 1.95 -5.10
N ALA A 230 20.77 1.05 -5.76
CA ALA A 230 21.26 -0.41 -5.83
C ALA A 230 22.77 -0.57 -6.19
S SO4 B . -3.80 -20.30 -5.53
O1 SO4 B . -2.39 -19.74 -5.63
O2 SO4 B . -4.36 -20.61 -6.91
O3 SO4 B . -3.67 -21.66 -4.73
O4 SO4 B . -4.88 -19.32 -4.88
C4 8RW C . 1.74 0.33 11.47
C14 8RW C . -7.24 2.25 12.29
C5 8RW C . 0.47 1.05 11.81
C6 8RW C . -1.78 0.51 10.74
C11 8RW C . -4.65 2.10 11.25
C7 8RW C . -3.48 2.17 10.48
C8 8RW C . -3.83 2.72 9.33
C9 8RW C . -5.96 3.54 8.19
C10 8RW C . -5.73 2.55 10.48
C12 8RW C . -4.92 1.63 12.55
C13 8RW C . -6.21 1.72 13.03
N1 8RW C . -0.55 0.19 11.20
N2 8RW C . -2.19 1.74 10.83
C3 8RW C . 1.43 -1.09 11.54
N3 8RW C . -5.22 2.96 9.28
O1 8RW C . -1.40 -1.82 12.97
C1 8RW C . -0.84 -2.17 11.97
C2 8RW C . -0.03 -1.17 11.20
N4 8RW C . -5.19 4.07 7.23
O2 8RW C . -7.16 3.52 8.16
C15 8RW C . -7.03 2.62 10.97
O3 8RW C . -2.52 -0.32 10.22
N5 8RW C . -0.87 -3.42 11.50
C16 8RW C . -1.54 -4.49 12.03
C17 8RW C . -1.51 -4.73 13.40
C18 8RW C . -2.12 -5.89 13.90
C19 8RW C . -2.71 -6.79 13.04
C20 8RW C . -2.70 -6.52 11.68
O4 8RW C . -3.27 -7.43 10.78
C21 8RW C . -4.53 -7.22 10.46
F1 8RW C . -5.26 -7.06 11.53
F2 8RW C . -5.08 -8.18 9.77
F3 8RW C . -4.66 -6.11 9.81
C22 8RW C . -2.08 -5.40 11.17
#